data_6YY6
#
_entry.id   6YY6
#
_cell.length_a   47.582
_cell.length_b   64.368
_cell.length_c   48.037
_cell.angle_alpha   90.000
_cell.angle_beta   110.850
_cell.angle_gamma   90.000
#
_symmetry.space_group_name_H-M   'P 1 21 1'
#
loop_
_entity.id
_entity.type
_entity.pdbx_description
1 polymer 'Phosphoribosylaminoimidazole-succinocarboxamide synthase'
2 non-polymer 'SULFATE ION'
3 non-polymer 1,2-ETHANEDIOL
4 non-polymer 4-azanyl-6-(1-ethylpyrazol-4-yl)pyrimidine-5-carbonitrile
5 water water
#
_entity_poly.entity_id   1
_entity_poly.type   'polypeptide(L)'
_entity_poly.pdbx_seq_one_letter_code
;MSHHHHHHSMRPSLSDYQHVASGKVRELYRVDDEHLLFVATDRISAFDFVLDTPIPDKGRILTAMSVFFFGLLTVPNHLA
GPPDDPRIPEEVLGRALLVRRLDMLPVECVARGYLTGSGLLDYQRTGAVCGHVLPQGLGEASRLDPPLFTPATKADIGEH
DMNVDFAAVVGLVGAVRANQLRDETIKIYTRAAAHALHKGIILADTKFEFGVDIEGNLVLADEVFTPDSSRYWDAAHYQP
GVVQDSFDKQFVRNWLTGPESGWDRASDTPPPPLPDEVAVATRERYIEAYERISGLSFSDWIGPSA
;
_entity_poly.pdbx_strand_id   A
#
loop_
_chem_comp.id
_chem_comp.type
_chem_comp.name
_chem_comp.formula
EDO non-polymer 1,2-ETHANEDIOL 'C2 H6 O2'
Q0W non-polymer 4-azanyl-6-(1-ethylpyrazol-4-yl)pyrimidine-5-carbonitrile 'C10 H10 N6'
SO4 non-polymer 'SULFATE ION' 'O4 S -2'
#
# COMPACT_ATOMS: atom_id res chain seq x y z
N MET A 10 -22.65 -22.60 3.95
CA MET A 10 -21.45 -23.11 3.31
C MET A 10 -20.82 -22.05 2.40
N ARG A 11 -19.55 -21.77 2.63
CA ARG A 11 -18.81 -20.81 1.81
C ARG A 11 -18.59 -21.34 0.40
N PRO A 12 -18.70 -20.47 -0.60
CA PRO A 12 -18.46 -20.86 -1.98
C PRO A 12 -17.00 -21.18 -2.21
N SER A 13 -16.70 -21.89 -3.29
CA SER A 13 -15.32 -22.07 -3.72
C SER A 13 -14.89 -20.85 -4.49
N LEU A 14 -13.60 -20.55 -4.43
CA LEU A 14 -13.03 -19.48 -5.22
C LEU A 14 -13.31 -19.70 -6.71
N SER A 15 -13.34 -20.97 -7.13
CA SER A 15 -13.62 -21.34 -8.51
C SER A 15 -15.04 -20.97 -8.96
N ASP A 16 -15.91 -20.63 -8.00
CA ASP A 16 -17.26 -20.19 -8.33
C ASP A 16 -17.28 -18.75 -8.84
N TYR A 17 -16.18 -18.04 -8.67
CA TYR A 17 -16.09 -16.64 -9.05
C TYR A 17 -15.19 -16.45 -10.26
N GLN A 18 -15.48 -15.42 -11.06
CA GLN A 18 -14.66 -15.12 -12.21
C GLN A 18 -13.46 -14.24 -11.88
N HIS A 19 -12.28 -14.74 -12.22
CA HIS A 19 -11.05 -13.99 -12.04
C HIS A 19 -11.05 -12.83 -13.04
N VAL A 20 -10.89 -11.61 -12.55
CA VAL A 20 -10.94 -10.44 -13.44
C VAL A 20 -9.62 -9.69 -13.54
N ALA A 21 -8.76 -9.84 -12.55
CA ALA A 21 -7.53 -9.05 -12.53
C ALA A 21 -6.48 -9.69 -11.65
N SER A 22 -5.26 -9.68 -12.17
CA SER A 22 -4.12 -10.18 -11.45
C SER A 22 -3.11 -9.06 -11.26
N GLY A 23 -2.82 -8.77 -10.00
CA GLY A 23 -1.68 -7.95 -9.67
C GLY A 23 -0.59 -8.92 -9.32
N LYS A 24 0.60 -8.42 -9.04
CA LYS A 24 1.71 -9.27 -8.65
C LYS A 24 1.40 -9.98 -7.33
N VAL A 25 0.69 -9.27 -6.45
CA VAL A 25 0.49 -9.69 -5.07
C VAL A 25 -0.99 -9.80 -4.69
N ARG A 26 -1.85 -9.10 -5.43
CA ARG A 26 -3.27 -9.17 -5.15
C ARG A 26 -4.06 -9.72 -6.32
N GLU A 27 -5.19 -10.31 -6.00
CA GLU A 27 -6.09 -10.86 -7.01
C GLU A 27 -7.47 -10.27 -6.84
N LEU A 28 -8.21 -10.23 -7.93
CA LEU A 28 -9.55 -9.69 -7.90
C LEU A 28 -10.50 -10.62 -8.62
N TYR A 29 -11.66 -10.86 -8.03
CA TYR A 29 -12.69 -11.72 -8.60
C TYR A 29 -14.05 -11.04 -8.62
N ARG A 30 -14.84 -11.35 -9.64
CA ARG A 30 -16.22 -10.91 -9.72
C ARG A 30 -17.11 -11.82 -8.88
N VAL A 31 -17.86 -11.21 -7.97
CA VAL A 31 -18.82 -11.93 -7.14
C VAL A 31 -20.21 -11.81 -7.76
N ASP A 32 -20.65 -10.58 -8.02
CA ASP A 32 -21.81 -10.39 -8.87
C ASP A 32 -21.65 -9.05 -9.59
N ASP A 33 -22.72 -8.54 -10.20
CA ASP A 33 -22.61 -7.33 -11.00
C ASP A 33 -22.14 -6.11 -10.19
N GLU A 34 -22.32 -6.15 -8.88
CA GLU A 34 -21.99 -4.99 -8.08
C GLU A 34 -20.96 -5.26 -7.00
N HIS A 35 -20.40 -6.46 -6.97
CA HIS A 35 -19.44 -6.79 -5.94
C HIS A 35 -18.23 -7.58 -6.44
N LEU A 36 -17.08 -7.31 -5.82
CA LEU A 36 -15.85 -8.01 -6.10
C LEU A 36 -15.32 -8.67 -4.85
N LEU A 37 -14.40 -9.61 -5.05
CA LEU A 37 -13.65 -10.23 -3.98
C LEU A 37 -12.20 -9.80 -4.13
N PHE A 38 -11.70 -9.07 -3.15
CA PHE A 38 -10.37 -8.50 -3.17
C PHE A 38 -9.46 -9.39 -2.32
N VAL A 39 -8.50 -10.06 -2.95
CA VAL A 39 -7.72 -11.10 -2.29
C VAL A 39 -6.25 -10.70 -2.16
N ALA A 40 -5.73 -10.74 -0.94
CA ALA A 40 -4.31 -10.55 -0.72
C ALA A 40 -3.66 -11.92 -0.69
N THR A 41 -2.52 -12.05 -1.35
CA THR A 41 -1.76 -13.30 -1.31
C THR A 41 -0.62 -13.17 -0.31
N ASP A 42 0.13 -14.26 -0.11
CA ASP A 42 1.30 -14.25 0.75
C ASP A 42 2.58 -13.90 -0.01
N ARG A 43 2.43 -13.50 -1.26
CA ARG A 43 3.60 -13.11 -2.06
C ARG A 43 4.19 -11.78 -1.57
N ILE A 44 5.50 -11.66 -1.68
CA ILE A 44 6.20 -10.43 -1.29
C ILE A 44 7.08 -9.96 -2.44
N SER A 45 7.09 -8.64 -2.65
CA SER A 45 7.94 -8.04 -3.66
C SER A 45 9.12 -7.31 -3.01
N ALA A 46 10.29 -7.49 -3.58
CA ALA A 46 11.46 -6.70 -3.21
C ALA A 46 12.30 -6.46 -4.45
N PHE A 47 12.82 -5.23 -4.58
CA PHE A 47 13.63 -4.83 -5.74
C PHE A 47 12.88 -5.06 -7.05
N ASP A 48 11.57 -4.82 -7.01
CA ASP A 48 10.67 -4.98 -8.16
C ASP A 48 10.59 -6.40 -8.70
N PHE A 49 10.93 -7.37 -7.85
CA PHE A 49 10.69 -8.77 -8.15
C PHE A 49 9.69 -9.35 -7.16
N VAL A 50 8.73 -10.11 -7.67
CA VAL A 50 7.94 -10.95 -6.81
C VAL A 50 8.80 -12.15 -6.45
N LEU A 51 9.08 -12.32 -5.16
CA LEU A 51 10.00 -13.36 -4.72
C LEU A 51 9.38 -14.75 -4.78
N ASP A 52 10.23 -15.76 -4.89
CA ASP A 52 9.79 -17.14 -4.93
C ASP A 52 9.10 -17.57 -3.66
N THR A 53 9.58 -17.03 -2.55
CA THR A 53 9.20 -17.51 -1.23
C THR A 53 8.07 -16.65 -0.69
N PRO A 54 6.92 -17.27 -0.38
CA PRO A 54 5.84 -16.54 0.27
C PRO A 54 6.14 -16.28 1.74
N ILE A 55 5.54 -15.22 2.27
CA ILE A 55 5.63 -14.92 3.69
C ILE A 55 4.38 -15.44 4.36
N PRO A 56 4.51 -16.44 5.24
CA PRO A 56 3.29 -17.03 5.79
C PRO A 56 2.42 -16.00 6.52
N ASP A 57 1.13 -16.05 6.23
CA ASP A 57 0.10 -15.18 6.82
C ASP A 57 0.18 -13.73 6.39
N LYS A 58 1.08 -13.40 5.46
CA LYS A 58 1.20 -11.99 5.03
C LYS A 58 -0.12 -11.44 4.49
N GLY A 59 -0.80 -12.23 3.66
CA GLY A 59 -2.06 -11.78 3.11
C GLY A 59 -3.10 -11.49 4.18
N ARG A 60 -3.17 -12.36 5.19
CA ARG A 60 -4.10 -12.17 6.31
C ARG A 60 -3.75 -10.95 7.14
N ILE A 61 -2.45 -10.76 7.39
CA ILE A 61 -2.02 -9.67 8.24
C ILE A 61 -2.28 -8.35 7.53
N LEU A 62 -1.99 -8.27 6.23
CA LEU A 62 -2.20 -7.02 5.53
C LEU A 62 -3.69 -6.72 5.35
N THR A 63 -4.49 -7.77 5.20
CA THR A 63 -5.93 -7.59 5.14
C THR A 63 -6.43 -7.05 6.49
N ALA A 64 -5.96 -7.64 7.58
CA ALA A 64 -6.31 -7.16 8.92
C ALA A 64 -5.93 -5.68 9.09
N MET A 65 -4.75 -5.31 8.60
CA MET A 65 -4.29 -3.92 8.68
C MET A 65 -5.20 -2.97 7.91
N SER A 66 -5.51 -3.35 6.68
CA SER A 66 -6.37 -2.52 5.85
C SER A 66 -7.74 -2.30 6.50
N VAL A 67 -8.32 -3.39 7.01
CA VAL A 67 -9.59 -3.32 7.72
C VAL A 67 -9.48 -2.39 8.94
N PHE A 68 -8.38 -2.50 9.68
CA PHE A 68 -8.24 -1.59 10.81
C PHE A 68 -8.24 -0.13 10.38
N PHE A 69 -7.47 0.19 9.35
CA PHE A 69 -7.38 1.58 8.93
C PHE A 69 -8.67 2.08 8.28
N PHE A 70 -9.37 1.23 7.53
CA PHE A 70 -10.68 1.62 7.01
C PHE A 70 -11.61 2.03 8.14
N GLY A 71 -11.53 1.31 9.26
CA GLY A 71 -12.37 1.63 10.41
C GLY A 71 -11.93 2.87 11.15
N LEU A 72 -10.63 3.13 11.13
CA LEU A 72 -10.07 4.33 11.76
C LEU A 72 -10.49 5.60 11.03
N LEU A 73 -10.54 5.51 9.71
CA LEU A 73 -10.88 6.66 8.87
C LEU A 73 -12.38 6.79 8.73
N THR A 74 -12.89 8.01 8.64
CA THR A 74 -14.33 8.24 8.60
C THR A 74 -14.88 8.27 7.17
N VAL A 75 -14.00 8.17 6.18
CA VAL A 75 -14.39 8.37 4.80
C VAL A 75 -15.04 7.13 4.19
N PRO A 76 -15.92 7.33 3.20
CA PRO A 76 -16.54 6.21 2.49
C PRO A 76 -15.49 5.28 1.90
N ASN A 77 -15.70 3.98 2.05
CA ASN A 77 -14.77 2.99 1.48
C ASN A 77 -15.53 1.87 0.80
N HIS A 78 -14.79 1.02 0.08
CA HIS A 78 -15.45 0.05 -0.76
C HIS A 78 -15.84 -1.24 -0.03
N LEU A 79 -15.64 -1.31 1.28
CA LEU A 79 -15.98 -2.56 1.96
C LEU A 79 -17.48 -2.79 1.93
N ALA A 80 -17.88 -4.02 1.58
CA ALA A 80 -19.30 -4.32 1.38
C ALA A 80 -19.78 -5.45 2.27
N GLY A 81 -18.95 -5.86 3.22
CA GLY A 81 -19.35 -6.87 4.17
C GLY A 81 -18.24 -7.10 5.19
N PRO A 82 -18.56 -7.87 6.23
CA PRO A 82 -17.58 -8.15 7.29
C PRO A 82 -16.48 -9.11 6.80
N PRO A 83 -15.37 -9.19 7.54
CA PRO A 83 -14.27 -10.09 7.15
C PRO A 83 -14.66 -11.56 7.10
N ASP A 84 -15.76 -11.95 7.75
CA ASP A 84 -16.22 -13.33 7.69
C ASP A 84 -17.48 -13.51 6.83
N ASP A 85 -17.76 -12.52 5.98
CA ASP A 85 -18.90 -12.59 5.06
C ASP A 85 -18.97 -13.95 4.39
N PRO A 86 -20.18 -14.57 4.38
CA PRO A 86 -20.32 -15.93 3.84
C PRO A 86 -19.93 -16.04 2.37
N ARG A 87 -19.84 -14.92 1.67
CA ARG A 87 -19.45 -14.98 0.26
C ARG A 87 -17.96 -15.21 0.08
N ILE A 88 -17.20 -15.14 1.17
CA ILE A 88 -15.75 -15.32 1.09
C ILE A 88 -15.39 -16.81 1.18
N PRO A 89 -14.67 -17.32 0.19
CA PRO A 89 -14.29 -18.74 0.26
C PRO A 89 -13.40 -19.07 1.45
N GLU A 90 -13.56 -20.28 1.97
CA GLU A 90 -12.72 -20.77 3.06
C GLU A 90 -11.23 -20.61 2.77
N GLU A 91 -10.86 -20.91 1.53
CA GLU A 91 -9.47 -20.91 1.11
C GLU A 91 -8.80 -19.55 1.26
N VAL A 92 -9.58 -18.47 1.21
CA VAL A 92 -9.01 -17.14 1.33
C VAL A 92 -9.52 -16.39 2.56
N LEU A 93 -10.13 -17.12 3.48
CA LEU A 93 -10.69 -16.49 4.66
C LEU A 93 -9.61 -15.76 5.46
N GLY A 94 -9.87 -14.49 5.75
CA GLY A 94 -8.93 -13.67 6.47
C GLY A 94 -8.02 -12.85 5.58
N ARG A 95 -7.91 -13.22 4.32
CA ARG A 95 -7.09 -12.47 3.36
C ARG A 95 -7.90 -12.02 2.14
N ALA A 96 -9.21 -11.95 2.30
CA ALA A 96 -10.07 -11.53 1.21
C ALA A 96 -11.23 -10.73 1.75
N LEU A 97 -11.63 -9.71 0.99
CA LEU A 97 -12.74 -8.85 1.38
C LEU A 97 -13.78 -8.76 0.29
N LEU A 98 -15.03 -8.76 0.69
CA LEU A 98 -16.13 -8.47 -0.21
C LEU A 98 -16.22 -6.96 -0.34
N VAL A 99 -16.10 -6.47 -1.57
CA VAL A 99 -16.12 -5.03 -1.80
C VAL A 99 -17.12 -4.62 -2.89
N ARG A 100 -17.52 -3.36 -2.84
CA ARG A 100 -18.42 -2.77 -3.84
C ARG A 100 -17.65 -2.51 -5.10
N ARG A 101 -18.20 -2.88 -6.26
CA ARG A 101 -17.56 -2.53 -7.52
C ARG A 101 -17.70 -1.04 -7.78
N LEU A 102 -16.59 -0.37 -8.04
CA LEU A 102 -16.59 1.06 -8.31
C LEU A 102 -16.09 1.35 -9.72
N ASP A 103 -16.33 2.56 -10.20
CA ASP A 103 -15.62 3.01 -11.39
C ASP A 103 -14.32 3.64 -10.91
N MET A 104 -13.21 2.95 -11.11
CA MET A 104 -11.94 3.40 -10.55
C MET A 104 -11.39 4.60 -11.29
N LEU A 105 -10.87 5.56 -10.52
CA LEU A 105 -10.22 6.73 -11.11
C LEU A 105 -8.77 6.40 -11.38
N PRO A 106 -8.30 6.72 -12.59
CA PRO A 106 -6.96 6.35 -13.10
C PRO A 106 -5.85 7.22 -12.54
N VAL A 107 -5.82 7.38 -11.22
CA VAL A 107 -4.78 8.17 -10.56
C VAL A 107 -4.26 7.43 -9.35
N GLU A 108 -2.94 7.27 -9.25
CA GLU A 108 -2.39 6.80 -8.00
C GLU A 108 -2.26 7.99 -7.06
N CYS A 109 -3.07 8.02 -6.01
CA CYS A 109 -3.09 9.14 -5.08
C CYS A 109 -2.09 8.93 -3.95
N VAL A 110 -0.92 9.56 -4.10
CA VAL A 110 0.17 9.34 -3.16
C VAL A 110 0.35 10.57 -2.28
N ALA A 111 0.50 10.33 -0.98
CA ALA A 111 0.87 11.37 -0.03
C ALA A 111 2.25 11.06 0.50
N ARG A 112 3.09 12.07 0.61
CA ARG A 112 4.42 11.89 1.19
C ARG A 112 4.60 12.83 2.37
N GLY A 113 4.86 12.26 3.53
CA GLY A 113 5.21 13.06 4.69
C GLY A 113 6.71 13.19 4.85
N TYR A 114 7.46 12.41 4.08
CA TYR A 114 8.91 12.41 4.11
C TYR A 114 9.44 12.20 2.70
N LEU A 115 10.63 12.70 2.47
CA LEU A 115 11.18 12.77 1.12
C LEU A 115 12.10 11.60 0.86
N THR A 116 11.65 10.64 0.06
CA THR A 116 12.46 9.47 -0.26
C THR A 116 11.99 8.91 -1.60
N GLY A 117 12.67 7.87 -2.07
CA GLY A 117 12.24 7.23 -3.30
C GLY A 117 12.20 8.17 -4.47
N SER A 118 11.20 8.02 -5.32
CA SER A 118 11.15 8.82 -6.53
C SER A 118 10.87 10.27 -6.21
N GLY A 119 10.27 10.55 -5.05
CA GLY A 119 10.03 11.94 -4.65
C GLY A 119 11.37 12.63 -4.42
N LEU A 120 12.22 11.98 -3.66
CA LEU A 120 13.54 12.53 -3.43
C LEU A 120 14.32 12.66 -4.73
N LEU A 121 14.23 11.66 -5.60
CA LEU A 121 14.98 11.67 -6.84
C LEU A 121 14.53 12.82 -7.73
N ASP A 122 13.22 13.02 -7.85
CA ASP A 122 12.68 14.12 -8.64
C ASP A 122 13.16 15.47 -8.06
N TYR A 123 13.20 15.57 -6.74
CA TYR A 123 13.66 16.77 -6.09
C TYR A 123 15.14 17.02 -6.37
N GLN A 124 15.93 15.96 -6.31
CA GLN A 124 17.37 16.13 -6.54
C GLN A 124 17.67 16.45 -7.99
N ARG A 125 16.76 16.10 -8.88
CA ARG A 125 16.96 16.38 -10.29
C ARG A 125 16.47 17.77 -10.68
N THR A 126 15.40 18.24 -10.05
CA THR A 126 14.67 19.41 -10.55
C THR A 126 14.38 20.47 -9.50
N GLY A 127 14.46 20.08 -8.22
CA GLY A 127 14.08 20.97 -7.13
C GLY A 127 12.60 20.91 -6.83
N ALA A 128 11.90 20.07 -7.57
CA ALA A 128 10.46 19.96 -7.44
C ALA A 128 10.04 18.51 -7.47
N VAL A 129 8.86 18.25 -6.88
CA VAL A 129 8.23 16.94 -6.95
C VAL A 129 6.77 17.10 -7.31
N CYS A 130 6.36 16.50 -8.44
CA CYS A 130 4.96 16.54 -8.86
C CYS A 130 4.37 17.93 -8.83
N GLY A 131 5.15 18.90 -9.31
CA GLY A 131 4.68 20.28 -9.38
C GLY A 131 4.91 21.11 -8.13
N HIS A 132 5.43 20.50 -7.07
CA HIS A 132 5.70 21.21 -5.83
C HIS A 132 7.15 21.65 -5.78
N VAL A 133 7.38 22.96 -5.83
CA VAL A 133 8.74 23.46 -5.71
C VAL A 133 9.07 23.55 -4.23
N LEU A 134 10.09 22.79 -3.82
CA LEU A 134 10.36 22.60 -2.40
C LEU A 134 11.51 23.49 -1.91
N PRO A 135 11.64 23.66 -0.58
CA PRO A 135 12.78 24.41 -0.06
C PRO A 135 14.10 23.80 -0.51
N GLN A 136 15.14 24.62 -0.59
CA GLN A 136 16.47 24.07 -0.83
C GLN A 136 16.97 23.39 0.43
N GLY A 137 17.87 22.43 0.27
CA GLY A 137 18.55 21.82 1.40
C GLY A 137 17.92 20.57 1.99
N LEU A 138 16.88 20.04 1.34
CA LEU A 138 16.29 18.78 1.80
C LEU A 138 17.12 17.61 1.32
N GLY A 139 16.91 16.47 1.97
CA GLY A 139 17.59 15.26 1.58
C GLY A 139 16.84 14.01 1.96
N GLU A 140 17.55 12.88 1.93
CA GLU A 140 16.96 11.58 2.22
C GLU A 140 16.23 11.60 3.56
N ALA A 141 14.98 11.18 3.52
CA ALA A 141 14.10 11.05 4.68
C ALA A 141 13.87 12.36 5.41
N SER A 142 14.07 13.48 4.72
CA SER A 142 13.65 14.77 5.27
C SER A 142 12.15 14.81 5.50
N ARG A 143 11.73 15.40 6.61
CA ARG A 143 10.31 15.57 6.87
C ARG A 143 9.75 16.62 5.90
N LEU A 144 8.57 16.34 5.35
CA LEU A 144 7.86 17.29 4.52
C LEU A 144 6.64 17.81 5.28
N ASP A 145 6.62 19.12 5.56
CA ASP A 145 5.50 19.71 6.26
C ASP A 145 5.09 20.96 5.49
N PRO A 146 3.84 20.98 4.98
CA PRO A 146 2.84 19.93 5.09
C PRO A 146 3.15 18.72 4.20
N PRO A 147 2.46 17.60 4.42
CA PRO A 147 2.69 16.47 3.52
C PRO A 147 2.33 16.85 2.09
N LEU A 148 2.96 16.21 1.11
CA LEU A 148 2.73 16.52 -0.29
C LEU A 148 1.81 15.52 -0.96
N PHE A 149 0.92 16.05 -1.80
CA PHE A 149 0.15 15.23 -2.73
C PHE A 149 1.02 15.03 -3.97
N THR A 150 1.48 13.81 -4.19
CA THR A 150 2.41 13.53 -5.28
C THR A 150 1.84 12.44 -6.16
N PRO A 151 0.85 12.82 -6.99
CA PRO A 151 0.11 11.81 -7.75
C PRO A 151 0.96 11.13 -8.83
N ALA A 152 0.55 9.93 -9.20
CA ALA A 152 1.29 9.18 -10.22
C ALA A 152 0.30 8.45 -11.14
N THR A 153 0.78 8.01 -12.29
CA THR A 153 -0.06 7.22 -13.19
C THR A 153 0.65 5.92 -13.48
N LYS A 154 -0.10 4.84 -13.65
CA LYS A 154 0.49 3.56 -14.01
C LYS A 154 1.12 3.63 -15.39
N ALA A 155 2.26 2.98 -15.55
CA ALA A 155 2.93 2.89 -16.84
C ALA A 155 2.74 1.48 -17.41
N ASP A 156 3.67 1.05 -18.24
CA ASP A 156 3.59 -0.28 -18.85
C ASP A 156 3.83 -1.37 -17.80
N ILE A 157 3.64 -2.63 -18.21
CA ILE A 157 3.64 -3.79 -17.31
C ILE A 157 4.79 -3.83 -16.30
N GLY A 158 6.02 -3.65 -16.78
CA GLY A 158 7.17 -3.75 -15.90
C GLY A 158 7.56 -2.44 -15.24
N GLU A 159 7.25 -1.34 -15.92
CA GLU A 159 7.72 -0.02 -15.51
C GLU A 159 7.10 0.51 -14.21
N HIS A 160 7.85 1.36 -13.52
CA HIS A 160 7.34 2.04 -12.33
C HIS A 160 6.26 3.05 -12.71
N ASP A 161 5.45 3.48 -11.73
CA ASP A 161 4.47 4.51 -11.98
C ASP A 161 5.18 5.82 -12.37
N MET A 162 4.50 6.66 -13.14
CA MET A 162 5.08 7.93 -13.55
C MET A 162 4.54 9.08 -12.69
N ASN A 163 5.44 9.83 -12.06
CA ASN A 163 5.01 10.97 -11.27
C ASN A 163 4.44 12.08 -12.14
N VAL A 164 3.31 12.62 -11.73
CA VAL A 164 2.66 13.70 -12.48
C VAL A 164 2.25 14.86 -11.57
N ASP A 165 1.93 16.01 -12.15
CA ASP A 165 1.54 17.15 -11.32
C ASP A 165 0.03 17.29 -11.23
N PHE A 166 -0.43 18.31 -10.53
CA PHE A 166 -1.84 18.45 -10.29
C PHE A 166 -2.61 18.68 -11.59
N ALA A 167 -2.03 19.42 -12.52
CA ALA A 167 -2.70 19.68 -13.81
C ALA A 167 -2.95 18.35 -14.53
N ALA A 168 -1.99 17.43 -14.41
CA ALA A 168 -2.18 16.11 -15.02
C ALA A 168 -3.39 15.42 -14.39
N VAL A 169 -3.54 15.53 -13.07
CA VAL A 169 -4.68 14.91 -12.42
C VAL A 169 -5.98 15.57 -12.87
N VAL A 170 -5.98 16.89 -12.96
CA VAL A 170 -7.15 17.59 -13.48
C VAL A 170 -7.55 17.02 -14.85
N GLY A 171 -6.58 16.82 -15.72
CA GLY A 171 -6.87 16.30 -17.06
C GLY A 171 -7.37 14.87 -17.03
N LEU A 172 -7.10 14.15 -15.95
CA LEU A 172 -7.54 12.78 -15.88
C LEU A 172 -8.95 12.62 -15.31
N VAL A 173 -9.31 13.46 -14.34
CA VAL A 173 -10.55 13.22 -13.60
C VAL A 173 -11.49 14.42 -13.47
N GLY A 174 -11.05 15.60 -13.90
CA GLY A 174 -11.84 16.82 -13.76
C GLY A 174 -11.25 17.72 -12.69
N ALA A 175 -11.49 19.02 -12.81
CA ALA A 175 -10.91 20.00 -11.90
C ALA A 175 -11.43 19.86 -10.47
N VAL A 176 -12.74 19.81 -10.30
CA VAL A 176 -13.32 19.66 -8.97
C VAL A 176 -12.94 18.31 -8.36
N ARG A 177 -12.97 17.24 -9.14
CA ARG A 177 -12.61 15.93 -8.62
C ARG A 177 -11.14 15.89 -8.22
N ALA A 178 -10.27 16.51 -8.99
CA ALA A 178 -8.84 16.54 -8.66
C ALA A 178 -8.61 17.23 -7.32
N ASN A 179 -9.32 18.33 -7.10
CA ASN A 179 -9.25 19.03 -5.81
CA ASN A 179 -9.25 19.02 -5.80
C ASN A 179 -9.66 18.09 -4.69
N GLN A 180 -10.74 17.35 -4.91
CA GLN A 180 -11.25 16.41 -3.92
C GLN A 180 -10.24 15.30 -3.63
N LEU A 181 -9.65 14.76 -4.68
CA LEU A 181 -8.64 13.72 -4.47
C LEU A 181 -7.47 14.22 -3.64
N ARG A 182 -6.99 15.41 -3.97
CA ARG A 182 -5.88 16.01 -3.27
CA ARG A 182 -5.87 16.01 -3.26
C ARG A 182 -6.20 16.20 -1.80
N ASP A 183 -7.35 16.81 -1.54
CA ASP A 183 -7.75 17.11 -0.17
C ASP A 183 -7.93 15.86 0.65
N GLU A 184 -8.66 14.88 0.12
CA GLU A 184 -8.92 13.68 0.89
C GLU A 184 -7.63 12.89 1.11
N THR A 185 -6.77 12.83 0.09
CA THR A 185 -5.51 12.09 0.21
C THR A 185 -4.66 12.65 1.36
N ILE A 186 -4.48 13.96 1.38
CA ILE A 186 -3.69 14.57 2.44
CA ILE A 186 -3.71 14.61 2.43
C ILE A 186 -4.38 14.45 3.80
N LYS A 187 -5.70 14.61 3.85
CA LYS A 187 -6.44 14.49 5.11
C LYS A 187 -6.31 13.10 5.73
N ILE A 188 -6.56 12.05 4.96
CA ILE A 188 -6.53 10.73 5.56
C ILE A 188 -5.09 10.29 5.82
N TYR A 189 -4.16 10.67 4.96
CA TYR A 189 -2.76 10.39 5.26
C TYR A 189 -2.36 11.02 6.59
N THR A 190 -2.66 12.31 6.76
CA THR A 190 -2.29 13.00 7.99
C THR A 190 -2.84 12.30 9.22
N ARG A 191 -4.11 11.92 9.16
CA ARG A 191 -4.74 11.21 10.28
C ARG A 191 -4.04 9.89 10.57
N ALA A 192 -3.87 9.04 9.56
CA ALA A 192 -3.28 7.74 9.80
C ALA A 192 -1.82 7.86 10.25
N ALA A 193 -1.09 8.81 9.68
CA ALA A 193 0.32 8.97 10.01
C ALA A 193 0.50 9.37 11.46
N ALA A 194 -0.37 10.26 11.94
CA ALA A 194 -0.27 10.67 13.34
C ALA A 194 -0.61 9.52 14.26
N HIS A 195 -1.59 8.70 13.87
CA HIS A 195 -1.97 7.54 14.67
C HIS A 195 -0.83 6.55 14.77
N ALA A 196 -0.21 6.25 13.64
CA ALA A 196 0.88 5.29 13.64
C ALA A 196 2.08 5.80 14.44
N LEU A 197 2.43 7.07 14.24
CA LEU A 197 3.58 7.63 14.93
C LEU A 197 3.39 7.63 16.44
N HIS A 198 2.16 7.85 16.87
CA HIS A 198 1.81 7.76 18.29
C HIS A 198 2.13 6.36 18.87
N LYS A 199 2.10 5.35 18.00
CA LYS A 199 2.41 3.96 18.37
C LYS A 199 3.84 3.56 18.02
N GLY A 200 4.65 4.51 17.59
CA GLY A 200 6.05 4.27 17.30
C GLY A 200 6.39 3.83 15.88
N ILE A 201 5.43 3.99 14.97
CA ILE A 201 5.68 3.67 13.56
C ILE A 201 5.43 4.90 12.68
N ILE A 202 6.41 5.23 11.86
CA ILE A 202 6.24 6.28 10.86
C ILE A 202 5.69 5.68 9.57
N LEU A 203 4.59 6.25 9.10
CA LEU A 203 4.11 6.00 7.76
C LEU A 203 4.67 7.12 6.90
N ALA A 204 5.73 6.80 6.14
CA ALA A 204 6.52 7.84 5.49
C ALA A 204 5.79 8.40 4.30
N ASP A 205 5.01 7.54 3.67
CA ASP A 205 4.22 7.89 2.51
C ASP A 205 3.17 6.81 2.34
N THR A 206 2.25 7.00 1.39
CA THR A 206 1.21 6.01 1.16
C THR A 206 0.57 6.26 -0.21
N LYS A 207 0.02 5.19 -0.78
CA LYS A 207 -0.61 5.26 -2.10
C LYS A 207 -2.04 4.76 -2.00
N PHE A 208 -2.98 5.61 -2.42
CA PHE A 208 -4.41 5.28 -2.43
C PHE A 208 -4.91 5.13 -3.84
N GLU A 209 -5.90 4.25 -4.03
CA GLU A 209 -6.71 4.29 -5.23
C GLU A 209 -8.15 4.56 -4.82
N PHE A 210 -8.81 5.44 -5.55
CA PHE A 210 -10.19 5.77 -5.30
C PHE A 210 -11.05 5.35 -6.46
N GLY A 211 -12.31 5.11 -6.19
CA GLY A 211 -13.27 4.93 -7.26
C GLY A 211 -14.50 5.77 -7.00
N VAL A 212 -15.42 5.76 -7.95
CA VAL A 212 -16.68 6.47 -7.77
CA VAL A 212 -16.67 6.47 -7.83
C VAL A 212 -17.83 5.49 -7.85
N ASP A 213 -18.82 5.66 -6.97
CA ASP A 213 -19.95 4.75 -6.97
C ASP A 213 -21.06 5.29 -7.87
N ILE A 214 -22.20 4.61 -7.85
CA ILE A 214 -23.31 4.96 -8.72
C ILE A 214 -23.80 6.39 -8.53
N GLU A 215 -23.69 6.90 -7.31
CA GLU A 215 -24.20 8.23 -6.98
C GLU A 215 -23.18 9.34 -7.19
N GLY A 216 -21.99 8.99 -7.70
CA GLY A 216 -20.96 9.96 -7.98
C GLY A 216 -20.05 10.23 -6.80
N ASN A 217 -20.27 9.48 -5.72
CA ASN A 217 -19.51 9.64 -4.49
C ASN A 217 -18.10 9.09 -4.61
N LEU A 218 -17.14 9.81 -4.06
CA LEU A 218 -15.77 9.36 -4.02
C LEU A 218 -15.57 8.32 -2.91
N VAL A 219 -15.02 7.17 -3.28
CA VAL A 219 -14.91 6.03 -2.37
C VAL A 219 -13.48 5.50 -2.34
N LEU A 220 -12.91 5.40 -1.14
CA LEU A 220 -11.57 4.85 -0.96
C LEU A 220 -11.58 3.34 -1.18
N ALA A 221 -10.67 2.84 -2.00
CA ALA A 221 -10.72 1.44 -2.38
C ALA A 221 -9.37 0.77 -2.19
N ASP A 222 -9.16 -0.35 -2.86
CA ASP A 222 -7.90 -1.05 -2.82
C ASP A 222 -7.54 -1.39 -1.38
N GLU A 223 -6.25 -1.36 -1.07
CA GLU A 223 -5.83 -1.59 0.29
C GLU A 223 -5.31 -0.27 0.82
N VAL A 224 -5.44 -0.08 2.13
CA VAL A 224 -5.01 1.17 2.68
C VAL A 224 -4.01 0.97 3.82
N PHE A 225 -2.92 1.71 3.70
CA PHE A 225 -1.89 1.78 4.74
C PHE A 225 -1.33 0.42 5.10
N THR A 226 -1.15 -0.41 4.09
CA THR A 226 -0.35 -1.62 4.31
C THR A 226 1.13 -1.31 4.09
N PRO A 227 2.02 -2.20 4.55
CA PRO A 227 3.44 -1.95 4.27
C PRO A 227 3.80 -2.18 2.80
N ASP A 228 2.85 -2.64 2.01
CA ASP A 228 3.05 -2.69 0.56
C ASP A 228 2.62 -1.38 -0.11
N SER A 229 1.59 -0.73 0.44
CA SER A 229 1.07 0.53 -0.13
C SER A 229 1.76 1.75 0.49
N SER A 230 2.56 1.53 1.52
CA SER A 230 3.11 2.58 2.37
C SER A 230 4.50 2.20 2.85
N ARG A 231 5.40 3.17 2.97
CA ARG A 231 6.66 2.93 3.64
C ARG A 231 6.50 3.03 5.15
N TYR A 232 6.61 1.88 5.80
CA TYR A 232 6.66 1.76 7.26
C TYR A 232 8.08 1.92 7.78
N TRP A 233 8.27 2.81 8.75
CA TRP A 233 9.57 3.01 9.38
C TRP A 233 9.42 2.85 10.89
N ASP A 234 10.47 2.36 11.55
CA ASP A 234 10.53 2.41 13.01
C ASP A 234 10.83 3.84 13.46
N ALA A 235 9.89 4.46 14.16
CA ALA A 235 10.08 5.84 14.64
C ALA A 235 11.27 5.94 15.58
N ALA A 236 11.50 4.90 16.37
CA ALA A 236 12.54 4.94 17.38
C ALA A 236 13.93 5.10 16.77
N HIS A 237 14.05 4.82 15.48
CA HIS A 237 15.34 4.90 14.79
C HIS A 237 15.34 5.88 13.66
N TYR A 238 14.35 6.77 13.67
CA TYR A 238 14.27 7.73 12.58
C TYR A 238 15.44 8.69 12.66
N GLN A 239 16.18 8.79 11.57
CA GLN A 239 17.38 9.59 11.48
C GLN A 239 17.40 10.24 10.10
N PRO A 240 16.93 11.49 10.03
CA PRO A 240 16.97 12.18 8.73
C PRO A 240 18.39 12.19 8.16
N GLY A 241 18.50 12.05 6.84
CA GLY A 241 19.80 12.12 6.20
C GLY A 241 20.34 10.79 5.73
N VAL A 242 19.81 9.68 6.25
CA VAL A 242 20.18 8.37 5.75
C VAL A 242 18.94 7.60 5.34
N VAL A 243 19.14 6.52 4.58
CA VAL A 243 18.02 5.70 4.16
C VAL A 243 17.46 4.92 5.36
N GLN A 244 16.16 5.01 5.60
CA GLN A 244 15.53 4.33 6.71
C GLN A 244 15.28 2.87 6.35
N ASP A 245 15.48 2.00 7.33
CA ASP A 245 15.15 0.60 7.13
C ASP A 245 13.68 0.43 6.88
N SER A 246 13.35 -0.50 5.99
CA SER A 246 11.96 -0.93 5.81
C SER A 246 11.56 -1.71 7.04
N PHE A 247 10.49 -1.28 7.72
CA PHE A 247 10.08 -1.97 8.94
C PHE A 247 9.83 -3.45 8.64
N ASP A 248 9.14 -3.71 7.53
CA ASP A 248 8.77 -5.08 7.20
C ASP A 248 9.77 -5.82 6.32
N LYS A 249 10.44 -5.13 5.41
CA LYS A 249 11.18 -5.83 4.37
C LYS A 249 12.71 -5.80 4.49
N GLN A 250 13.23 -5.24 5.59
CA GLN A 250 14.67 -5.04 5.64
C GLN A 250 15.45 -6.36 5.79
N PHE A 251 14.87 -7.33 6.50
CA PHE A 251 15.54 -8.63 6.61
C PHE A 251 15.68 -9.29 5.25
N VAL A 252 14.61 -9.21 4.46
CA VAL A 252 14.61 -9.74 3.10
C VAL A 252 15.63 -9.01 2.24
N ARG A 253 15.60 -7.67 2.26
CA ARG A 253 16.55 -6.90 1.46
C ARG A 253 17.99 -7.20 1.85
N ASN A 254 18.27 -7.25 3.15
CA ASN A 254 19.63 -7.47 3.61
C ASN A 254 20.15 -8.86 3.22
N TRP A 255 19.29 -9.86 3.32
CA TRP A 255 19.72 -11.20 2.96
C TRP A 255 19.95 -11.28 1.46
N LEU A 256 19.03 -10.73 0.68
CA LEU A 256 19.16 -10.82 -0.77
C LEU A 256 20.43 -10.14 -1.27
N THR A 257 20.82 -9.04 -0.62
CA THR A 257 22.00 -8.30 -1.06
C THR A 257 23.23 -8.62 -0.22
N GLY A 258 23.12 -9.62 0.66
CA GLY A 258 24.22 -10.03 1.49
C GLY A 258 25.05 -11.12 0.84
N PRO A 259 26.08 -11.61 1.54
CA PRO A 259 27.01 -12.60 0.98
C PRO A 259 26.45 -14.02 0.86
N GLU A 260 25.29 -14.29 1.47
CA GLU A 260 24.79 -15.67 1.52
C GLU A 260 23.81 -16.02 0.40
N SER A 261 23.27 -15.02 -0.26
CA SER A 261 22.26 -15.25 -1.30
C SER A 261 22.81 -15.77 -2.60
N GLY A 262 24.04 -15.36 -2.93
CA GLY A 262 24.64 -15.67 -4.21
C GLY A 262 24.03 -14.88 -5.35
N TRP A 263 23.30 -13.82 -5.02
CA TRP A 263 22.56 -13.03 -6.00
C TRP A 263 23.16 -11.66 -6.17
N ASP A 264 23.23 -11.19 -7.40
CA ASP A 264 23.72 -9.85 -7.70
C ASP A 264 22.55 -9.00 -8.16
N ARG A 265 22.15 -8.03 -7.34
CA ARG A 265 20.99 -7.19 -7.62
C ARG A 265 21.18 -6.36 -8.89
N ALA A 266 22.43 -6.01 -9.19
CA ALA A 266 22.74 -5.23 -10.38
C ALA A 266 22.31 -5.96 -11.64
N SER A 267 22.46 -7.28 -11.62
CA SER A 267 21.87 -8.11 -12.66
C SER A 267 20.37 -8.02 -12.51
N ASP A 268 19.65 -7.90 -13.63
CA ASP A 268 18.19 -7.86 -13.54
C ASP A 268 17.63 -9.27 -13.61
N THR A 269 18.42 -10.23 -13.14
CA THR A 269 17.99 -11.63 -13.07
C THR A 269 17.15 -11.83 -11.83
N PRO A 270 16.13 -12.71 -11.91
CA PRO A 270 15.27 -12.95 -10.75
C PRO A 270 16.06 -13.47 -9.55
N PRO A 271 15.72 -12.97 -8.35
CA PRO A 271 16.41 -13.37 -7.13
C PRO A 271 16.06 -14.79 -6.69
N PRO A 272 16.95 -15.42 -5.91
CA PRO A 272 16.78 -16.77 -5.36
C PRO A 272 15.74 -16.81 -4.24
N PRO A 273 15.26 -18.01 -3.88
CA PRO A 273 14.33 -18.10 -2.75
C PRO A 273 14.98 -17.69 -1.43
N LEU A 274 14.14 -17.26 -0.50
CA LEU A 274 14.57 -16.80 0.81
C LEU A 274 14.75 -17.94 1.78
N PRO A 275 15.68 -17.80 2.73
CA PRO A 275 15.71 -18.73 3.86
C PRO A 275 14.37 -18.76 4.58
N ASP A 276 13.88 -19.94 4.95
CA ASP A 276 12.69 -20.05 5.78
C ASP A 276 12.76 -19.11 6.98
N GLU A 277 13.92 -19.03 7.62
CA GLU A 277 14.01 -18.21 8.84
C GLU A 277 13.83 -16.73 8.52
N VAL A 278 14.24 -16.30 7.34
CA VAL A 278 14.01 -14.89 6.95
C VAL A 278 12.52 -14.65 6.71
N ALA A 279 11.84 -15.63 6.12
CA ALA A 279 10.41 -15.51 5.87
C ALA A 279 9.60 -15.47 7.17
N VAL A 280 10.00 -16.31 8.13
CA VAL A 280 9.34 -16.35 9.43
C VAL A 280 9.60 -15.04 10.20
N ALA A 281 10.83 -14.53 10.09
CA ALA A 281 11.18 -13.26 10.75
C ALA A 281 10.37 -12.10 10.19
N THR A 282 10.17 -12.14 8.89
CA THR A 282 9.40 -11.12 8.18
C THR A 282 7.94 -11.18 8.61
N ARG A 283 7.39 -12.39 8.68
CA ARG A 283 6.03 -12.56 9.21
C ARG A 283 5.89 -11.92 10.58
N GLU A 284 6.90 -12.14 11.44
CA GLU A 284 6.89 -11.57 12.77
C GLU A 284 6.83 -10.05 12.73
N ARG A 285 7.60 -9.44 11.81
CA ARG A 285 7.57 -7.99 11.66
C ARG A 285 6.19 -7.49 11.25
N TYR A 286 5.53 -8.18 10.32
CA TYR A 286 4.19 -7.79 9.95
C TYR A 286 3.24 -7.85 11.14
N ILE A 287 3.32 -8.91 11.93
CA ILE A 287 2.44 -9.03 13.09
C ILE A 287 2.71 -7.91 14.08
N GLU A 288 4.00 -7.62 14.32
CA GLU A 288 4.36 -6.55 15.24
C GLU A 288 3.80 -5.20 14.78
N ALA A 289 3.92 -4.91 13.48
CA ALA A 289 3.42 -3.64 12.99
C ALA A 289 1.90 -3.54 13.13
N TYR A 290 1.21 -4.60 12.74
CA TYR A 290 -0.23 -4.67 12.88
C TYR A 290 -0.67 -4.51 14.34
N GLU A 291 -0.02 -5.25 15.24
CA GLU A 291 -0.48 -5.22 16.62
C GLU A 291 -0.16 -3.88 17.29
N ARG A 292 0.96 -3.27 16.92
CA ARG A 292 1.30 -1.99 17.51
C ARG A 292 0.34 -0.91 17.04
N ILE A 293 0.02 -0.90 15.75
CA ILE A 293 -0.83 0.13 15.20
C ILE A 293 -2.31 -0.04 15.59
N SER A 294 -2.80 -1.28 15.56
CA SER A 294 -4.21 -1.53 15.75
C SER A 294 -4.61 -1.68 17.22
N GLY A 295 -3.66 -2.07 18.07
CA GLY A 295 -3.97 -2.38 19.46
C GLY A 295 -4.77 -3.66 19.58
N LEU A 296 -4.77 -4.45 18.51
CA LEU A 296 -5.46 -5.73 18.47
C LEU A 296 -4.45 -6.87 18.44
N SER A 297 -4.90 -8.09 18.71
CA SER A 297 -4.02 -9.24 18.59
C SER A 297 -4.29 -9.96 17.27
N PHE A 298 -3.23 -10.27 16.53
CA PHE A 298 -3.42 -10.95 15.27
C PHE A 298 -3.96 -12.36 15.48
N SER A 299 -3.72 -12.93 16.65
CA SER A 299 -4.25 -14.25 16.97
C SER A 299 -5.78 -14.29 16.96
N ASP A 300 -6.42 -13.12 17.01
CA ASP A 300 -7.86 -13.05 16.96
C ASP A 300 -8.39 -12.85 15.55
N TRP A 301 -7.48 -12.67 14.59
CA TRP A 301 -7.91 -12.42 13.22
C TRP A 301 -8.33 -13.71 12.55
N ILE A 302 -9.40 -13.67 11.76
CA ILE A 302 -10.00 -14.88 11.21
C ILE A 302 -9.07 -15.54 10.19
N GLY A 303 -9.21 -16.85 10.04
CA GLY A 303 -8.46 -17.59 9.04
C GLY A 303 -9.14 -18.90 8.73
N PRO A 304 -8.54 -19.68 7.81
CA PRO A 304 -9.09 -21.01 7.49
C PRO A 304 -9.09 -21.94 8.70
S SO4 B . 8.25 5.67 -4.80
O1 SO4 B . 7.42 6.25 -5.82
O2 SO4 B . 7.91 4.26 -4.57
O3 SO4 B . 8.10 6.44 -3.56
O4 SO4 B . 9.66 5.70 -5.18
S SO4 C . -0.14 -5.68 -7.06
O1 SO4 C . -1.06 -6.63 -6.45
O2 SO4 C . -0.88 -4.70 -7.85
O3 SO4 C . 0.80 -6.37 -7.91
O4 SO4 C . 0.59 -5.00 -5.99
C1 EDO D . 4.56 5.52 -2.39
O1 EDO D . 4.91 4.64 -3.48
C2 EDO D . 3.96 4.70 -1.27
O2 EDO D . 5.01 4.03 -0.56
C10 Q0W E . -13.16 -1.86 -6.72
C15 Q0W E . -9.37 -2.84 -9.85
C01 Q0W E . -6.34 -5.22 -7.66
C02 Q0W E . -6.47 -3.63 -7.84
N03 Q0W E . -7.78 -3.29 -8.41
C04 Q0W E . -8.88 -3.01 -7.67
C05 Q0W E . -9.90 -2.70 -8.55
C06 Q0W E . -11.35 -2.34 -8.22
C07 Q0W E . -11.82 -2.19 -6.90
C08 Q0W E . -10.94 -2.35 -5.71
N09 Q0W E . -10.27 -2.47 -4.80
N11 Q0W E . -13.95 -1.71 -7.78
C12 Q0W E . -13.46 -1.88 -9.01
N13 Q0W E . -12.22 -2.18 -9.20
N14 Q0W E . -13.71 -1.70 -5.42
N16 Q0W E . -8.07 -3.19 -9.72
#